data_9EO1
#
_entry.id   9EO1
#
_cell.length_a   1.00
_cell.length_b   1.00
_cell.length_c   1.00
_cell.angle_alpha   90.00
_cell.angle_beta   90.00
_cell.angle_gamma   90.00
#
_symmetry.space_group_name_H-M   'P 1'
#
loop_
_entity.id
_entity.type
_entity.pdbx_description
1 polymer 'Fanconi-associated nuclease 1'
2 polymer 'DNA (continuous)'
3 polymer 'DNA (pre-nick)'
4 polymer 'DNA (post-nick)'
#
loop_
_entity_poly.entity_id
_entity_poly.type
_entity_poly.pdbx_seq_one_letter_code
_entity_poly.pdbx_strand_id
1 'polypeptide(L)'
;HPYYLRSFLVVLKTVLENEDDMLLFDEQEKGIVTKFYQLSATGQKLYVRLFQRKLSWIKMTKLEYEEIALDLTPVIEELT
NAGFLQTESELQELSEVLELLSAPELKSLAKTFHLVNPNGQKQQLVDAFLKLAKQRSVCTWGKNKPGIGAVILKRAKALA
GQSVRICKGPRAVFSRILLLFSLTDSMEDEDAACGGQGQLSTVLLVNLGRMEFPSYTINRKTHIFQDRDDLIRYAAATHM
LSDISSAMANGNWEEAKELAQCAKRDWNRLKNHPSLRCHEDLPLFLRCFTVGWIYTRILSRFVEILQRLHMYEEAVRELE
SLLSQRIYCPDSRGRWWDRLALNLHQHLKRLEPTIKCITEGLADPEVRTGHRLSLYQRAVRLRESPSCKKFKHLFQQLPE
MAVQDVKHVTITGRLCPQRGMCKSVFVMEAGEAADPTTVLCSVEELALAHYRRSGFDQGIHGEGSTFSTLYGLLLWDIIF
MDGIPDVFRNACQAFPLDLCTDSFFTSRRPALEARLQLIHDAPEESLRAWVAATWHEQEGRVASLVSWDRFTSLQQAQDL
VSCLGGPVLSGVCRHLAADFRHCRGGLPDLVVWNSQSRHFKLVEVKGPNDRLSHKQMIWLAELQKLGAEVEVCHVV
;
A
2 'polydeoxyribonucleotide'
;(DC)(DC)(DA)(DG)(DG)(DT)(DC)(DT)(DC)(DG)(DT)(DC)(DC)(DG)(DC)(DG)(DC)(DC)(DA)(DC)
(DT)(DC)(DG)(DT)(DG)(DT)(DC)(DC)(DA)(DG)(DC)(DG)
;
B
3 'polydeoxyribonucleotide' (DG)(DA)(DC)(DA)(DC)(DG)(DA)(DG)(DT)(DG)(DG)(DC)(DT)(DT) C
4 'polydeoxyribonucleotide' (DT)(DG)(DC)(DG)(DG)(DA)(DC)(DG)(DA)(DG)(DA)(DC)(DC)(DT)(DG)(DG)(DA) D
#
# COMPACT_ATOMS: atom_id res chain seq x y z
N HIS A 1 16.54 21.69 13.36
CA HIS A 1 16.79 20.49 12.58
C HIS A 1 16.01 20.52 11.28
N PRO A 2 16.57 19.97 10.21
CA PRO A 2 15.86 19.90 8.94
C PRO A 2 14.75 18.87 8.99
N TYR A 3 13.96 18.83 7.91
CA TYR A 3 12.81 17.95 7.86
C TYR A 3 13.23 16.47 7.92
N TYR A 4 14.27 16.11 7.16
CA TYR A 4 14.65 14.71 7.09
C TYR A 4 15.23 14.23 8.40
N LEU A 5 16.02 15.05 9.07
CA LEU A 5 16.57 14.66 10.36
C LEU A 5 15.47 14.54 11.40
N ARG A 6 14.50 15.46 11.38
CA ARG A 6 13.37 15.37 12.30
C ARG A 6 12.59 14.08 12.09
N SER A 7 12.32 13.74 10.83
CA SER A 7 11.58 12.52 10.53
C SER A 7 12.35 11.29 11.00
N PHE A 8 13.65 11.25 10.69
CA PHE A 8 14.46 10.09 11.06
C PHE A 8 14.54 9.96 12.58
N LEU A 9 14.67 11.07 13.28
CA LEU A 9 14.73 11.03 14.73
C LEU A 9 13.41 10.56 15.33
N VAL A 10 12.30 11.00 14.74
CA VAL A 10 10.99 10.52 15.20
C VAL A 10 10.88 9.02 15.03
N VAL A 11 11.31 8.52 13.88
CA VAL A 11 11.28 7.07 13.64
C VAL A 11 12.16 6.35 14.66
N LEU A 12 13.36 6.89 14.89
CA LEU A 12 14.30 6.25 15.80
C LEU A 12 13.74 6.19 17.22
N LYS A 13 13.16 7.30 17.69
CA LYS A 13 12.63 7.32 19.04
C LYS A 13 11.41 6.40 19.16
N THR A 14 10.60 6.33 18.10
CA THR A 14 9.46 5.44 18.13
C THR A 14 9.89 3.98 18.26
N VAL A 15 10.92 3.59 17.51
CA VAL A 15 11.39 2.21 17.61
C VAL A 15 12.11 1.99 18.94
N LEU A 16 12.80 3.01 19.46
CA LEU A 16 13.47 2.88 20.76
C LEU A 16 12.47 2.67 21.89
N GLU A 17 11.37 3.43 21.90
CA GLU A 17 10.50 3.47 23.06
C GLU A 17 9.74 2.16 23.26
N ASN A 18 9.43 1.45 22.17
CA ASN A 18 8.82 0.14 22.30
C ASN A 18 9.86 -0.88 22.72
N GLU A 19 9.69 -1.44 23.91
CA GLU A 19 10.64 -2.43 24.42
C GLU A 19 10.64 -3.70 23.58
N ASP A 20 9.47 -4.17 23.16
CA ASP A 20 9.39 -5.42 22.40
C ASP A 20 10.13 -5.31 21.07
N ASP A 21 10.05 -4.16 20.42
CA ASP A 21 10.77 -3.97 19.17
C ASP A 21 12.28 -4.06 19.38
N MET A 22 12.80 -3.45 20.45
CA MET A 22 14.22 -3.51 20.70
C MET A 22 14.65 -4.86 21.25
N LEU A 23 13.70 -5.69 21.68
CA LEU A 23 14.06 -7.07 21.95
C LEU A 23 14.61 -7.75 20.70
N LEU A 24 14.19 -7.29 19.52
CA LEU A 24 14.68 -7.86 18.28
C LEU A 24 16.13 -7.48 18.03
N PHE A 25 16.45 -6.19 18.17
CA PHE A 25 17.79 -5.73 17.85
C PHE A 25 18.81 -6.28 18.84
N ASP A 26 19.98 -6.63 18.32
CA ASP A 26 21.07 -7.14 19.14
C ASP A 26 21.85 -5.99 19.77
N GLU A 27 22.89 -6.35 20.52
CA GLU A 27 23.64 -5.37 21.27
C GLU A 27 24.38 -4.40 20.34
N GLN A 28 25.06 -4.92 19.33
CA GLN A 28 25.85 -4.05 18.45
C GLN A 28 24.95 -3.14 17.63
N GLU A 29 23.75 -3.60 17.30
CA GLU A 29 22.82 -2.73 16.58
C GLU A 29 22.38 -1.56 17.46
N LYS A 30 22.09 -1.83 18.73
CA LYS A 30 21.81 -0.73 19.65
C LYS A 30 23.02 0.17 19.80
N GLY A 31 24.21 -0.41 19.75
CA GLY A 31 25.42 0.40 19.76
C GLY A 31 25.49 1.33 18.56
N ILE A 32 25.07 0.82 17.39
CA ILE A 32 25.03 1.65 16.19
C ILE A 32 24.03 2.78 16.36
N VAL A 33 22.88 2.48 16.96
CA VAL A 33 21.87 3.52 17.17
C VAL A 33 22.42 4.60 18.10
N THR A 34 23.05 4.19 19.20
CA THR A 34 23.64 5.15 20.12
C THR A 34 24.73 5.96 19.44
N LYS A 35 25.55 5.29 18.62
CA LYS A 35 26.59 5.98 17.86
C LYS A 35 25.99 7.06 16.98
N PHE A 36 24.84 6.75 16.36
CA PHE A 36 24.14 7.79 15.61
C PHE A 36 23.74 8.93 16.51
N TYR A 37 23.25 8.62 17.71
CA TYR A 37 22.84 9.69 18.61
C TYR A 37 24.02 10.55 19.06
N GLN A 38 25.19 9.94 19.27
CA GLN A 38 26.35 10.67 19.77
C GLN A 38 27.22 11.15 18.61
N LEU A 39 26.55 11.75 17.62
CA LEU A 39 27.21 12.36 16.48
C LEU A 39 26.81 13.82 16.40
N SER A 40 27.55 14.57 15.59
CA SER A 40 27.21 15.96 15.37
C SER A 40 25.87 16.08 14.68
N ALA A 41 25.24 17.25 14.80
CA ALA A 41 24.01 17.50 14.08
C ALA A 41 24.25 17.45 12.58
N THR A 42 25.36 18.03 12.13
CA THR A 42 25.72 17.98 10.73
C THR A 42 25.97 16.54 10.27
N GLY A 43 26.62 15.74 11.12
CA GLY A 43 26.82 14.34 10.78
C GLY A 43 25.53 13.56 10.65
N GLN A 44 24.58 13.82 11.55
CA GLN A 44 23.28 13.18 11.44
C GLN A 44 22.56 13.59 10.17
N LYS A 45 22.60 14.88 9.84
CA LYS A 45 21.97 15.33 8.60
C LYS A 45 22.58 14.62 7.39
N LEU A 46 23.92 14.53 7.36
CA LEU A 46 24.59 13.90 6.24
C LEU A 46 24.20 12.44 6.13
N TYR A 47 24.14 11.72 7.25
CA TYR A 47 23.82 10.31 7.16
C TYR A 47 22.38 10.10 6.72
N VAL A 48 21.46 10.94 7.18
CA VAL A 48 20.07 10.81 6.73
C VAL A 48 19.98 11.05 5.23
N ARG A 49 20.66 12.09 4.75
CA ARG A 49 20.62 12.40 3.32
C ARG A 49 21.17 11.25 2.49
N LEU A 50 22.29 10.67 2.93
CA LEU A 50 22.84 9.54 2.20
C LEU A 50 21.94 8.32 2.31
N PHE A 51 21.21 8.19 3.43
CA PHE A 51 20.27 7.09 3.60
C PHE A 51 19.16 7.16 2.57
N GLN A 52 18.67 8.37 2.28
CA GLN A 52 17.68 8.52 1.22
C GLN A 52 18.24 8.08 -0.13
N ARG A 53 19.54 8.25 -0.36
CA ARG A 53 20.14 7.88 -1.63
C ARG A 53 20.41 6.37 -1.68
N LYS A 54 20.69 5.88 -2.88
CA LYS A 54 20.87 4.45 -3.08
C LYS A 54 22.22 3.99 -2.55
N LEU A 55 22.33 2.69 -2.34
CA LEU A 55 23.55 2.09 -1.77
C LEU A 55 24.59 1.91 -2.89
N SER A 56 25.09 3.04 -3.35
CA SER A 56 26.11 3.09 -4.38
C SER A 56 27.08 4.21 -4.07
N TRP A 57 28.30 4.10 -4.59
CA TRP A 57 29.30 5.10 -4.33
C TRP A 57 28.97 6.40 -5.03
N ILE A 58 29.21 7.52 -4.34
CA ILE A 58 28.93 8.85 -4.84
C ILE A 58 30.24 9.62 -4.90
N LYS A 59 30.51 10.21 -6.06
CA LYS A 59 31.72 11.02 -6.20
C LYS A 59 31.66 12.21 -5.26
N MET A 60 32.76 12.47 -4.55
CA MET A 60 32.77 13.48 -3.50
C MET A 60 32.39 14.85 -4.05
N THR A 61 32.66 15.10 -5.32
CA THR A 61 32.24 16.35 -5.93
C THR A 61 30.72 16.45 -6.00
N LYS A 62 30.06 15.31 -6.18
CA LYS A 62 28.61 15.33 -6.38
C LYS A 62 27.87 15.39 -5.04
N LEU A 63 28.55 15.07 -3.94
CA LEU A 63 27.85 14.85 -2.68
C LEU A 63 27.45 16.16 -2.00
N GLU A 64 28.04 17.27 -2.41
CA GLU A 64 27.98 18.47 -1.60
C GLU A 64 26.56 18.94 -1.35
N TYR A 65 26.22 19.09 -0.05
CA TYR A 65 24.91 19.63 0.35
C TYR A 65 25.21 20.90 1.13
N GLU A 66 24.87 22.07 0.60
CA GLU A 66 25.27 23.33 1.28
C GLU A 66 24.62 23.43 2.66
N GLU A 67 23.35 23.06 2.80
CA GLU A 67 22.68 23.28 4.12
C GLU A 67 23.36 22.44 5.21
N ILE A 68 23.71 21.18 4.92
CA ILE A 68 24.27 20.35 6.03
C ILE A 68 25.58 20.96 6.50
N ALA A 69 26.44 21.36 5.56
CA ALA A 69 27.68 22.06 5.91
C ALA A 69 28.17 22.83 4.69
N LEU A 70 28.98 23.88 4.87
CA LEU A 70 29.59 24.55 3.69
C LEU A 70 30.51 23.54 3.02
N ASP A 71 31.24 22.78 3.82
CA ASP A 71 32.17 21.76 3.27
C ASP A 71 31.88 20.47 4.01
N LEU A 72 31.79 19.37 3.27
CA LEU A 72 31.38 18.09 3.89
C LEU A 72 32.65 17.29 4.19
N THR A 73 33.83 17.84 3.90
CA THR A 73 35.07 17.03 4.03
C THR A 73 35.35 16.53 5.47
N PRO A 74 35.16 17.30 6.56
CA PRO A 74 35.38 16.74 7.89
C PRO A 74 34.25 15.79 8.27
N VAL A 75 33.01 16.23 8.13
CA VAL A 75 31.84 15.41 8.42
C VAL A 75 32.05 14.00 7.87
N ILE A 76 32.60 13.91 6.67
CA ILE A 76 32.92 12.60 6.10
C ILE A 76 33.88 11.86 7.01
N GLU A 77 34.89 12.55 7.53
CA GLU A 77 35.84 11.91 8.44
C GLU A 77 35.15 11.45 9.72
N GLU A 78 34.27 12.29 10.27
CA GLU A 78 33.57 11.96 11.51
C GLU A 78 32.72 10.71 11.34
N LEU A 79 31.91 10.68 10.29
CA LEU A 79 31.12 9.48 10.01
C LEU A 79 32.02 8.30 9.69
N THR A 80 33.21 8.57 9.13
CA THR A 80 34.11 7.48 8.77
C THR A 80 34.63 6.77 10.01
N ASN A 81 34.97 7.51 11.07
CA ASN A 81 35.49 6.84 12.26
C ASN A 81 34.44 5.93 12.87
N ALA A 82 33.18 6.38 12.89
CA ALA A 82 32.14 5.63 13.59
C ALA A 82 31.79 4.33 12.88
N GLY A 83 32.16 4.19 11.61
CA GLY A 83 31.77 3.02 10.85
C GLY A 83 30.54 3.20 9.98
N PHE A 84 30.07 4.44 9.80
CA PHE A 84 28.85 4.67 9.03
C PHE A 84 29.14 4.74 7.54
N LEU A 85 30.22 5.42 7.16
CA LEU A 85 30.62 5.58 5.77
C LEU A 85 31.99 4.98 5.55
N GLN A 86 32.16 4.31 4.42
CA GLN A 86 33.46 3.80 4.01
C GLN A 86 33.98 4.63 2.84
N THR A 87 35.11 5.29 3.06
CA THR A 87 35.69 6.17 2.06
C THR A 87 36.37 5.35 0.97
N GLU A 88 37.12 6.04 0.10
CA GLU A 88 37.71 5.39 -1.06
C GLU A 88 38.55 4.18 -0.69
N SER A 89 39.13 4.15 0.51
CA SER A 89 40.12 3.15 0.83
C SER A 89 39.56 1.73 0.75
N GLU A 90 38.24 1.58 0.91
CA GLU A 90 37.65 0.26 0.89
C GLU A 90 37.19 -0.17 -0.49
N LEU A 91 37.30 0.70 -1.50
CA LEU A 91 36.80 0.42 -2.84
C LEU A 91 37.74 -0.55 -3.56
N GLN A 92 37.53 -1.83 -3.28
CA GLN A 92 38.35 -2.89 -3.88
C GLN A 92 37.59 -3.74 -4.88
N GLU A 93 36.29 -3.51 -5.08
CA GLU A 93 35.49 -4.26 -6.04
C GLU A 93 35.34 -3.46 -7.32
N LEU A 94 35.83 -4.04 -8.42
CA LEU A 94 36.10 -3.25 -9.62
C LEU A 94 34.82 -2.82 -10.31
N SER A 95 33.79 -3.65 -10.27
CA SER A 95 32.55 -3.36 -10.97
C SER A 95 31.93 -2.05 -10.48
N GLU A 96 31.95 -1.84 -9.17
CA GLU A 96 31.40 -0.61 -8.63
C GLU A 96 32.30 0.58 -8.94
N VAL A 97 33.59 0.34 -9.14
CA VAL A 97 34.47 1.41 -9.62
C VAL A 97 34.04 1.83 -11.02
N LEU A 98 33.79 0.85 -11.89
CA LEU A 98 33.35 1.15 -13.24
C LEU A 98 32.03 1.91 -13.23
N GLU A 99 31.09 1.45 -12.39
CA GLU A 99 29.82 2.15 -12.27
C GLU A 99 30.01 3.57 -11.73
N LEU A 100 31.00 3.74 -10.86
CA LEU A 100 31.31 5.06 -10.32
C LEU A 100 31.87 5.98 -11.40
N LEU A 101 32.68 5.42 -12.30
CA LEU A 101 33.36 6.21 -13.31
C LEU A 101 32.35 6.82 -14.27
N SER A 102 32.59 8.06 -14.69
CA SER A 102 31.70 8.67 -15.66
C SER A 102 32.03 8.15 -17.07
N ALA A 103 31.04 8.23 -17.95
CA ALA A 103 31.23 7.69 -19.30
C ALA A 103 32.34 8.38 -20.07
N PRO A 104 32.46 9.72 -20.07
CA PRO A 104 33.67 10.32 -20.64
C PRO A 104 34.93 9.81 -19.97
N GLU A 105 34.88 9.60 -18.66
CA GLU A 105 36.01 9.00 -17.98
C GLU A 105 36.15 7.52 -18.35
N LEU A 106 35.05 6.86 -18.70
CA LEU A 106 35.16 5.53 -19.27
C LEU A 106 35.92 5.56 -20.58
N LYS A 107 35.64 6.55 -21.42
CA LYS A 107 36.36 6.72 -22.68
C LYS A 107 37.84 6.96 -22.41
N SER A 108 38.14 7.79 -21.42
CA SER A 108 39.53 8.03 -21.06
C SER A 108 40.21 6.75 -20.59
N LEU A 109 39.52 5.96 -19.77
CA LEU A 109 40.09 4.71 -19.29
C LEU A 109 40.34 3.74 -20.42
N ALA A 110 39.40 3.67 -21.37
CA ALA A 110 39.61 2.84 -22.55
C ALA A 110 40.81 3.34 -23.36
N LYS A 111 41.01 4.65 -23.37
CA LYS A 111 42.21 5.18 -24.05
C LYS A 111 43.45 4.64 -23.32
N THR A 112 43.40 4.60 -21.99
CA THR A 112 44.60 4.18 -21.22
C THR A 112 44.94 2.74 -21.58
N PHE A 113 43.91 1.90 -21.75
CA PHE A 113 44.16 0.51 -22.17
C PHE A 113 43.25 0.24 -23.37
N HIS A 114 43.65 0.71 -24.55
CA HIS A 114 42.73 0.55 -25.70
C HIS A 114 42.91 -0.84 -26.28
N LEU A 115 42.54 -1.84 -25.48
CA LEU A 115 42.56 -3.23 -26.01
C LEU A 115 41.15 -3.53 -26.52
N VAL A 116 40.24 -2.56 -26.38
CA VAL A 116 38.82 -2.79 -26.75
C VAL A 116 38.25 -1.58 -27.50
N ASN A 117 37.18 -1.78 -28.27
CA ASN A 117 36.50 -0.65 -28.95
C ASN A 117 36.57 0.60 -28.08
N PRO A 118 37.13 1.73 -28.57
CA PRO A 118 37.15 2.95 -27.77
C PRO A 118 35.78 3.47 -27.32
N ASN A 119 34.78 3.42 -28.20
CA ASN A 119 33.50 4.06 -27.83
C ASN A 119 32.36 3.03 -27.78
N GLY A 120 31.23 3.41 -27.21
CA GLY A 120 30.07 2.55 -27.14
C GLY A 120 29.26 2.85 -25.90
N GLN A 121 28.32 1.94 -25.62
CA GLN A 121 27.47 2.09 -24.45
C GLN A 121 28.27 1.93 -23.17
N LYS A 122 27.80 2.58 -22.11
CA LYS A 122 28.47 2.48 -20.82
C LYS A 122 28.49 1.04 -20.34
N GLN A 123 27.36 0.34 -20.44
CA GLN A 123 27.31 -1.05 -20.00
C GLN A 123 28.26 -1.91 -20.82
N GLN A 124 28.31 -1.67 -22.13
CA GLN A 124 29.20 -2.43 -23.00
C GLN A 124 30.66 -2.19 -22.62
N LEU A 125 31.04 -0.93 -22.41
CA LEU A 125 32.42 -0.64 -22.03
C LEU A 125 32.76 -1.24 -20.69
N VAL A 126 31.82 -1.20 -19.75
CA VAL A 126 32.05 -1.74 -18.42
C VAL A 126 32.27 -3.24 -18.50
N ASP A 127 31.41 -3.94 -19.26
CA ASP A 127 31.65 -5.35 -19.48
C ASP A 127 33.00 -5.57 -20.15
N ALA A 128 33.41 -4.65 -21.02
CA ALA A 128 34.70 -4.79 -21.70
C ALA A 128 35.86 -4.74 -20.71
N PHE A 129 35.87 -3.73 -19.84
CA PHE A 129 36.95 -3.66 -18.86
C PHE A 129 36.89 -4.83 -17.90
N LEU A 130 35.67 -5.28 -17.56
CA LEU A 130 35.55 -6.43 -16.67
C LEU A 130 36.18 -7.67 -17.30
N LYS A 131 35.94 -7.83 -18.60
CA LYS A 131 36.58 -8.96 -19.30
C LYS A 131 38.08 -8.70 -19.32
N LEU A 132 38.45 -7.44 -19.58
CA LEU A 132 39.90 -7.12 -19.72
C LEU A 132 40.59 -7.41 -18.39
N ALA A 133 39.94 -7.06 -17.29
CA ALA A 133 40.55 -7.28 -15.96
C ALA A 133 40.77 -8.79 -15.77
N LYS A 134 39.78 -9.59 -16.18
CA LYS A 134 39.89 -11.05 -15.96
C LYS A 134 41.12 -11.55 -16.72
N GLN A 135 41.33 -11.04 -17.94
CA GLN A 135 42.50 -11.46 -18.74
C GLN A 135 43.66 -10.49 -18.50
N ILE A 148 47.33 -7.60 -14.74
CA ILE A 148 47.10 -6.26 -15.26
C ILE A 148 45.93 -5.64 -14.51
N GLY A 149 45.14 -6.50 -13.86
CA GLY A 149 43.96 -6.02 -13.15
C GLY A 149 44.28 -5.01 -12.07
N ALA A 150 45.41 -5.18 -11.38
CA ALA A 150 45.79 -4.25 -10.33
C ALA A 150 46.02 -2.85 -10.89
N VAL A 151 46.74 -2.75 -12.00
CA VAL A 151 46.99 -1.45 -12.61
C VAL A 151 45.70 -0.84 -13.12
N ILE A 152 44.83 -1.66 -13.70
CA ILE A 152 43.55 -1.17 -14.19
C ILE A 152 42.74 -0.59 -13.02
N LEU A 153 42.69 -1.32 -11.92
CA LEU A 153 41.95 -0.84 -10.75
C LEU A 153 42.56 0.43 -10.20
N LYS A 154 43.89 0.50 -10.16
CA LYS A 154 44.57 1.67 -9.62
C LYS A 154 44.22 2.89 -10.44
N ARG A 155 44.32 2.78 -11.76
CA ARG A 155 43.99 3.93 -12.61
C ARG A 155 42.52 4.28 -12.51
N ALA A 156 41.65 3.27 -12.42
CA ALA A 156 40.22 3.54 -12.32
C ALA A 156 39.90 4.31 -11.05
N LYS A 157 40.45 3.86 -9.92
CA LYS A 157 40.22 4.56 -8.67
C LYS A 157 40.82 5.94 -8.69
N ALA A 158 42.01 6.09 -9.30
CA ALA A 158 42.64 7.39 -9.36
C ALA A 158 41.80 8.37 -10.17
N LEU A 159 41.23 7.91 -11.28
CA LEU A 159 40.44 8.81 -12.11
C LEU A 159 39.07 9.07 -11.50
N ALA A 160 38.55 8.10 -10.75
CA ALA A 160 37.24 8.27 -10.11
C ALA A 160 37.29 9.35 -9.04
N GLY A 161 38.27 9.28 -8.16
CA GLY A 161 38.38 10.25 -7.09
C GLY A 161 38.14 9.62 -5.73
N GLN A 162 37.48 10.35 -4.84
CA GLN A 162 37.14 9.83 -3.52
C GLN A 162 35.62 9.67 -3.45
N SER A 163 35.18 8.51 -2.99
CA SER A 163 33.76 8.23 -2.88
C SER A 163 33.47 7.58 -1.54
N VAL A 164 32.24 7.78 -1.06
CA VAL A 164 31.80 7.26 0.22
C VAL A 164 30.50 6.51 0.02
N ARG A 165 30.43 5.30 0.56
CA ARG A 165 29.25 4.46 0.50
C ARG A 165 28.69 4.31 1.91
N ILE A 166 27.37 4.38 2.03
CA ILE A 166 26.73 4.11 3.31
C ILE A 166 26.94 2.65 3.65
N CYS A 167 27.64 2.40 4.75
CA CYS A 167 28.02 1.04 5.10
C CYS A 167 26.80 0.15 5.26
N LYS A 168 26.91 -1.09 4.78
CA LYS A 168 25.77 -1.99 4.76
C LYS A 168 25.28 -2.30 6.18
N GLY A 169 26.20 -2.48 7.11
CA GLY A 169 25.86 -2.81 8.48
C GLY A 169 24.90 -1.83 9.12
N PRO A 170 25.35 -0.59 9.35
CA PRO A 170 24.48 0.43 9.96
C PRO A 170 23.21 0.70 9.16
N ARG A 171 23.33 0.71 7.84
CA ARG A 171 22.18 0.99 6.99
C ARG A 171 21.13 -0.07 7.19
N ALA A 172 21.54 -1.32 7.39
CA ALA A 172 20.58 -2.38 7.64
C ALA A 172 19.79 -2.11 8.91
N VAL A 173 20.46 -1.67 9.98
CA VAL A 173 19.77 -1.40 11.23
C VAL A 173 18.77 -0.27 11.06
N PHE A 174 19.18 0.82 10.42
CA PHE A 174 18.24 1.92 10.22
C PHE A 174 17.09 1.51 9.29
N SER A 175 17.37 0.63 8.33
CA SER A 175 16.33 0.16 7.43
C SER A 175 15.29 -0.67 8.16
N ARG A 176 15.74 -1.54 9.05
CA ARG A 176 14.81 -2.32 9.86
C ARG A 176 14.02 -1.42 10.80
N ILE A 177 14.65 -0.37 11.32
CA ILE A 177 13.92 0.58 12.15
C ILE A 177 12.82 1.27 11.35
N LEU A 178 13.14 1.70 10.13
CA LEU A 178 12.13 2.32 9.28
C LEU A 178 11.03 1.33 8.93
N LEU A 179 11.40 0.07 8.71
CA LEU A 179 10.40 -0.96 8.41
C LEU A 179 9.46 -1.17 9.58
N LEU A 180 10.01 -1.21 10.79
CA LEU A 180 9.19 -1.35 11.99
C LEU A 180 8.24 -0.16 12.14
N PHE A 181 8.74 1.05 11.86
CA PHE A 181 7.88 2.21 12.03
C PHE A 181 6.77 2.23 10.98
N SER A 182 7.14 2.23 9.70
CA SER A 182 6.13 2.30 8.64
C SER A 182 5.29 1.04 8.61
N LEU A 183 5.70 0.02 9.37
CA LEU A 183 4.96 -1.23 9.42
C LEU A 183 3.55 -1.01 9.92
N THR A 184 3.40 -0.20 10.96
CA THR A 184 2.10 0.12 11.52
C THR A 184 1.50 1.35 10.84
N LEU A 205 7.29 10.28 5.11
CA LEU A 205 8.67 10.37 5.55
C LEU A 205 9.22 11.78 5.35
N VAL A 206 8.43 12.63 4.69
CA VAL A 206 8.83 14.02 4.51
C VAL A 206 8.22 14.91 5.59
N ASN A 207 6.95 14.69 5.91
CA ASN A 207 6.26 15.47 6.94
C ASN A 207 6.13 14.72 8.25
N LEU A 208 6.95 13.70 8.48
CA LEU A 208 6.76 12.83 9.64
C LEU A 208 6.88 13.59 10.95
N GLY A 209 7.89 14.44 11.07
CA GLY A 209 8.05 15.21 12.30
C GLY A 209 6.94 16.24 12.47
N ARG A 210 6.54 16.88 11.39
CA ARG A 210 5.57 17.97 11.49
C ARG A 210 4.18 17.44 11.86
N MET A 211 3.73 16.38 11.20
CA MET A 211 2.40 15.85 11.49
C MET A 211 2.36 15.21 12.87
N GLU A 212 1.29 15.50 13.60
CA GLU A 212 1.08 14.98 14.95
C GLU A 212 -0.02 13.93 14.91
N PHE A 213 0.11 12.91 15.72
CA PHE A 213 -0.85 11.83 15.58
C PHE A 213 -1.91 11.89 16.68
N PRO A 214 -3.07 11.26 16.47
CA PRO A 214 -4.18 11.44 17.40
C PRO A 214 -3.89 10.87 18.78
N SER A 215 -4.83 11.12 19.69
CA SER A 215 -4.71 10.61 21.04
C SER A 215 -5.28 9.20 21.14
N TYR A 216 -4.47 8.26 21.61
CA TYR A 216 -4.90 6.88 21.78
C TYR A 216 -3.90 6.16 22.68
N THR A 217 -4.41 5.31 23.56
CA THR A 217 -3.55 4.54 24.44
C THR A 217 -2.82 3.46 23.64
N ILE A 218 -1.51 3.43 23.79
CA ILE A 218 -0.65 2.47 23.10
C ILE A 218 -0.68 1.18 23.90
N ASN A 219 -1.17 0.11 23.26
CA ASN A 219 -1.29 -1.19 23.96
C ASN A 219 -0.99 -2.34 23.02
N ARG A 220 0.17 -2.99 23.17
CA ARG A 220 0.43 -4.20 22.37
C ARG A 220 0.47 -5.39 23.31
N LYS A 221 -0.41 -6.37 23.10
CA LYS A 221 -0.36 -7.60 23.93
C LYS A 221 0.27 -8.77 23.17
N THR A 222 0.57 -8.63 21.89
CA THR A 222 1.26 -9.76 21.24
C THR A 222 2.44 -9.19 20.46
N HIS A 223 3.33 -10.06 20.00
CA HIS A 223 4.52 -9.55 19.30
C HIS A 223 4.30 -9.83 17.81
N ILE A 224 4.36 -8.79 16.99
CA ILE A 224 4.22 -9.01 15.52
C ILE A 224 5.42 -9.86 15.13
N PHE A 225 6.59 -9.54 15.71
CA PHE A 225 7.82 -10.29 15.37
C PHE A 225 8.27 -11.04 16.61
N GLN A 226 8.51 -12.33 16.48
CA GLN A 226 8.85 -13.16 17.67
C GLN A 226 10.35 -13.12 17.94
N ASP A 227 11.15 -13.23 16.89
CA ASP A 227 12.63 -13.29 17.02
C ASP A 227 13.29 -12.27 16.09
N ARG A 228 14.54 -11.91 16.35
CA ARG A 228 15.27 -10.94 15.50
C ARG A 228 15.35 -11.52 14.10
N ASP A 229 15.56 -12.83 14.01
CA ASP A 229 15.69 -13.48 12.68
C ASP A 229 14.38 -13.24 11.93
N ASP A 230 13.26 -13.26 12.64
CA ASP A 230 11.93 -13.10 11.99
C ASP A 230 11.85 -11.73 11.34
N LEU A 231 12.35 -10.70 12.01
CA LEU A 231 12.37 -9.37 11.35
C LEU A 231 13.36 -9.44 10.20
N ILE A 232 14.50 -10.12 10.37
CA ILE A 232 15.38 -10.22 9.21
C ILE A 232 14.66 -10.88 8.04
N ARG A 233 13.89 -11.95 8.34
CA ARG A 233 13.12 -12.63 7.32
C ARG A 233 12.06 -11.72 6.71
N TYR A 234 11.40 -10.93 7.55
CA TYR A 234 10.40 -9.99 7.04
C TYR A 234 11.04 -8.93 6.16
N ALA A 235 12.23 -8.46 6.56
CA ALA A 235 12.95 -7.51 5.72
C ALA A 235 13.30 -8.12 4.38
N ALA A 236 13.76 -9.38 4.38
CA ALA A 236 14.10 -10.03 3.12
C ALA A 236 12.88 -10.21 2.24
N ALA A 237 11.75 -10.62 2.83
CA ALA A 237 10.53 -10.83 2.06
C ALA A 237 10.01 -9.52 1.49
N THR A 238 10.03 -8.45 2.29
CA THR A 238 9.58 -7.16 1.78
C THR A 238 10.53 -6.61 0.74
N HIS A 239 11.82 -6.90 0.87
CA HIS A 239 12.79 -6.49 -0.14
C HIS A 239 12.52 -7.20 -1.45
N MET A 240 12.22 -8.50 -1.38
CA MET A 240 11.89 -9.24 -2.59
C MET A 240 10.61 -8.72 -3.22
N LEU A 241 9.61 -8.42 -2.40
CA LEU A 241 8.36 -7.88 -2.94
C LEU A 241 8.58 -6.50 -3.55
N SER A 242 9.46 -5.70 -2.95
CA SER A 242 9.76 -4.38 -3.50
C SER A 242 10.51 -4.52 -4.82
N ASP A 243 11.39 -5.52 -4.94
CA ASP A 243 12.05 -5.78 -6.21
C ASP A 243 11.04 -6.18 -7.28
N ILE A 244 10.07 -7.02 -6.91
CA ILE A 244 9.06 -7.45 -7.87
C ILE A 244 8.16 -6.28 -8.26
N SER A 245 7.88 -5.37 -7.33
CA SER A 245 7.10 -4.19 -7.67
C SER A 245 7.91 -3.22 -8.54
N SER A 246 9.22 -3.14 -8.32
CA SER A 246 10.06 -2.35 -9.20
C SER A 246 10.07 -2.92 -10.60
N ALA A 247 10.08 -4.25 -10.71
CA ALA A 247 9.93 -4.90 -12.01
C ALA A 247 8.56 -4.61 -12.61
N MET A 248 7.53 -4.53 -11.76
CA MET A 248 6.22 -4.09 -12.21
C MET A 248 6.32 -2.74 -12.90
N ALA A 249 6.91 -1.77 -12.21
CA ALA A 249 6.93 -0.39 -12.70
C ALA A 249 7.79 -0.25 -13.95
N ASN A 250 8.97 -0.89 -13.95
CA ASN A 250 9.87 -0.77 -15.09
C ASN A 250 9.33 -1.46 -16.33
N GLY A 251 8.31 -2.30 -16.16
CA GLY A 251 7.77 -3.05 -17.27
C GLY A 251 8.57 -4.27 -17.64
N ASN A 252 9.61 -4.60 -16.88
CA ASN A 252 10.40 -5.78 -17.15
C ASN A 252 9.75 -6.98 -16.50
N TRP A 253 9.33 -7.94 -17.32
CA TRP A 253 8.51 -9.04 -16.83
C TRP A 253 9.25 -10.36 -16.70
N GLU A 254 10.23 -10.64 -17.57
CA GLU A 254 10.97 -11.89 -17.45
C GLU A 254 11.77 -11.93 -16.15
N GLU A 255 12.47 -10.84 -15.83
CA GLU A 255 13.15 -10.77 -14.54
C GLU A 255 12.14 -10.82 -13.40
N ALA A 256 10.99 -10.20 -13.58
CA ALA A 256 9.92 -10.31 -12.59
C ALA A 256 9.51 -11.76 -12.42
N LYS A 257 9.39 -12.50 -13.52
CA LYS A 257 8.99 -13.90 -13.43
C LYS A 257 10.03 -14.72 -12.68
N GLU A 258 11.32 -14.52 -12.97
CA GLU A 258 12.32 -15.33 -12.28
C GLU A 258 12.44 -14.94 -10.82
N LEU A 259 12.28 -13.65 -10.51
CA LEU A 259 12.26 -13.22 -9.12
C LEU A 259 11.10 -13.88 -8.37
N ALA A 260 9.92 -13.89 -8.99
CA ALA A 260 8.77 -14.54 -8.38
C ALA A 260 9.01 -16.04 -8.22
N GLN A 261 9.69 -16.66 -9.18
CA GLN A 261 9.97 -18.08 -9.07
C GLN A 261 10.91 -18.38 -7.90
N CYS A 262 11.96 -17.57 -7.71
CA CYS A 262 12.83 -17.83 -6.56
C CYS A 262 12.12 -17.51 -5.26
N ALA A 263 11.22 -16.52 -5.28
CA ALA A 263 10.43 -16.23 -4.08
C ALA A 263 9.53 -17.40 -3.72
N LYS A 264 8.91 -18.01 -4.73
CA LYS A 264 8.08 -19.19 -4.50
C LYS A 264 8.93 -20.35 -3.99
N ARG A 265 10.14 -20.49 -4.54
CA ARG A 265 11.04 -21.54 -4.05
C ARG A 265 11.41 -21.30 -2.60
N ASP A 266 11.67 -20.05 -2.23
CA ASP A 266 11.99 -19.74 -0.84
C ASP A 266 10.82 -20.04 0.08
N TRP A 267 9.61 -19.60 -0.29
CA TRP A 267 8.47 -19.88 0.56
C TRP A 267 8.13 -21.37 0.60
N ASN A 268 8.55 -22.13 -0.41
CA ASN A 268 8.43 -23.57 -0.32
C ASN A 268 9.24 -24.11 0.85
N ARG A 269 10.43 -23.56 1.06
CA ARG A 269 11.16 -23.79 2.30
C ARG A 269 10.60 -22.89 3.40
N LEU A 270 11.06 -23.13 4.62
CA LEU A 270 10.68 -22.39 5.82
C LEU A 270 9.20 -22.57 6.16
N LYS A 271 8.45 -23.36 5.37
CA LYS A 271 7.07 -23.66 5.73
C LYS A 271 7.01 -24.50 6.99
N ASN A 272 7.94 -25.45 7.14
CA ASN A 272 7.96 -26.29 8.32
C ASN A 272 8.59 -25.58 9.51
N HIS A 273 9.23 -24.44 9.27
CA HIS A 273 9.94 -23.71 10.31
C HIS A 273 8.93 -23.24 11.35
N PRO A 274 9.07 -23.62 12.65
CA PRO A 274 8.05 -23.29 13.65
C PRO A 274 7.61 -21.81 13.72
N SER A 275 8.35 -20.92 13.06
CA SER A 275 7.99 -19.49 13.18
C SER A 275 6.59 -19.26 12.63
N LEU A 276 6.27 -19.91 11.51
CA LEU A 276 4.97 -19.65 10.84
C LEU A 276 3.80 -20.04 11.75
N ARG A 277 3.90 -21.15 12.48
CA ARG A 277 2.73 -21.61 13.28
C ARG A 277 2.37 -20.54 14.32
N CYS A 278 3.38 -19.95 14.96
CA CYS A 278 3.13 -18.88 15.95
C CYS A 278 2.47 -17.72 15.23
N HIS A 279 2.89 -17.47 13.99
CA HIS A 279 2.35 -16.31 13.24
C HIS A 279 0.90 -16.60 12.83
N GLU A 280 0.54 -17.86 12.68
CA GLU A 280 -0.86 -18.18 12.33
C GLU A 280 -1.79 -17.76 13.48
N ASP A 281 -1.42 -18.05 14.74
CA ASP A 281 -2.36 -17.74 15.81
C ASP A 281 -2.59 -16.24 15.94
N LEU A 282 -1.75 -15.46 15.26
CA LEU A 282 -1.82 -13.98 15.39
C LEU A 282 -3.14 -13.49 14.82
N PRO A 283 -3.70 -12.37 15.32
CA PRO A 283 -4.91 -11.80 14.73
C PRO A 283 -4.64 -11.32 13.31
N LEU A 284 -5.72 -11.21 12.53
CA LEU A 284 -5.59 -10.97 11.09
C LEU A 284 -4.89 -9.66 10.79
N PHE A 285 -5.23 -8.60 11.54
CA PHE A 285 -4.55 -7.32 11.33
C PHE A 285 -3.07 -7.44 11.68
N LEU A 286 -2.74 -8.19 12.71
CA LEU A 286 -1.30 -8.37 13.06
C LEU A 286 -0.71 -9.44 12.14
N ARG A 287 -1.52 -10.37 11.63
CA ARG A 287 -0.99 -11.34 10.69
C ARG A 287 -0.64 -10.69 9.36
N CYS A 288 -1.21 -9.52 9.08
CA CYS A 288 -0.85 -8.79 7.87
C CYS A 288 0.64 -8.54 7.79
N PHE A 289 1.27 -8.38 8.96
CA PHE A 289 2.72 -8.06 9.02
C PHE A 289 3.48 -9.34 9.35
N THR A 290 3.54 -10.24 8.40
CA THR A 290 4.24 -11.50 8.59
C THR A 290 4.95 -11.88 7.29
N VAL A 291 5.95 -12.75 7.42
CA VAL A 291 6.69 -13.24 6.26
C VAL A 291 5.74 -13.94 5.30
N GLY A 292 4.85 -14.77 5.83
CA GLY A 292 3.91 -15.48 4.99
C GLY A 292 3.00 -14.55 4.22
N TRP A 293 2.56 -13.46 4.86
CA TRP A 293 1.69 -12.50 4.19
C TRP A 293 2.40 -11.87 3.00
N ILE A 294 3.67 -11.49 3.18
CA ILE A 294 4.40 -10.83 2.11
C ILE A 294 4.67 -11.83 0.99
N TYR A 295 4.94 -13.07 1.33
CA TYR A 295 5.16 -14.07 0.29
C TYR A 295 3.86 -14.37 -0.45
N THR A 296 2.72 -14.27 0.24
CA THR A 296 1.45 -14.47 -0.44
C THR A 296 1.14 -13.31 -1.38
N ARG A 297 1.48 -12.08 -0.98
CA ARG A 297 1.34 -10.97 -1.92
C ARG A 297 2.30 -11.11 -3.10
N ILE A 298 3.49 -11.66 -2.85
CA ILE A 298 4.43 -11.94 -3.94
C ILE A 298 3.82 -12.97 -4.88
N LEU A 299 3.15 -13.98 -4.33
CA LEU A 299 2.49 -14.97 -5.17
C LEU A 299 1.36 -14.35 -5.97
N SER A 300 0.65 -13.39 -5.37
CA SER A 300 -0.37 -12.66 -6.12
C SER A 300 0.23 -11.88 -7.28
N ARG A 301 1.38 -11.24 -7.05
CA ARG A 301 2.06 -10.54 -8.12
C ARG A 301 2.53 -11.52 -9.20
N PHE A 302 2.92 -12.72 -8.79
CA PHE A 302 3.26 -13.77 -9.74
C PHE A 302 2.05 -14.14 -10.58
N VAL A 303 0.88 -14.18 -9.96
CA VAL A 303 -0.35 -14.43 -10.71
C VAL A 303 -0.57 -13.33 -11.73
N GLU A 304 -0.34 -12.08 -11.33
CA GLU A 304 -0.55 -10.97 -12.25
C GLU A 304 0.41 -11.04 -13.43
N ILE A 305 1.69 -11.33 -13.18
CA ILE A 305 2.66 -11.38 -14.28
C ILE A 305 2.41 -12.60 -15.16
N LEU A 306 2.02 -13.71 -14.55
CA LEU A 306 1.74 -14.91 -15.32
C LEU A 306 0.62 -14.64 -16.33
N GLN A 307 -0.37 -13.86 -15.91
CA GLN A 307 -1.40 -13.41 -16.83
C GLN A 307 -0.82 -12.43 -17.85
N ARG A 308 0.15 -11.61 -17.42
CA ARG A 308 0.78 -10.67 -18.34
C ARG A 308 1.63 -11.38 -19.39
N LEU A 309 2.34 -12.43 -18.99
CA LEU A 309 3.12 -13.24 -19.93
C LEU A 309 2.26 -14.26 -20.66
N HIS A 310 0.95 -14.25 -20.43
CA HIS A 310 0.01 -15.13 -21.11
C HIS A 310 0.33 -16.60 -20.85
N MET A 311 0.93 -16.89 -19.69
CA MET A 311 1.06 -18.27 -19.22
C MET A 311 -0.13 -18.52 -18.31
N TYR A 312 -1.30 -18.65 -18.92
CA TYR A 312 -2.56 -18.65 -18.18
C TYR A 312 -2.79 -19.93 -17.40
N GLU A 313 -2.32 -21.07 -17.91
CA GLU A 313 -2.48 -22.31 -17.15
C GLU A 313 -1.69 -22.27 -15.86
N GLU A 314 -0.46 -21.74 -15.89
CA GLU A 314 0.32 -21.57 -14.68
C GLU A 314 -0.33 -20.56 -13.73
N ALA A 315 -0.94 -19.50 -14.27
CA ALA A 315 -1.67 -18.56 -13.44
C ALA A 315 -2.83 -19.24 -12.74
N VAL A 316 -3.54 -20.12 -13.46
CA VAL A 316 -4.63 -20.87 -12.87
C VAL A 316 -4.11 -21.78 -11.77
N ARG A 317 -2.99 -22.44 -12.00
CA ARG A 317 -2.40 -23.29 -10.96
C ARG A 317 -2.06 -22.48 -9.72
N GLU A 318 -1.46 -21.31 -9.90
CA GLU A 318 -1.11 -20.46 -8.76
C GLU A 318 -2.36 -19.98 -8.01
N LEU A 319 -3.38 -19.55 -8.75
CA LEU A 319 -4.61 -19.06 -8.10
C LEU A 319 -5.31 -20.17 -7.35
N GLU A 320 -5.37 -21.37 -7.92
CA GLU A 320 -5.95 -22.49 -7.20
C GLU A 320 -5.11 -22.84 -5.97
N SER A 321 -3.79 -22.71 -6.08
CA SER A 321 -2.95 -22.94 -4.92
C SER A 321 -3.08 -21.81 -3.91
N LEU A 322 -3.29 -20.58 -4.40
CA LEU A 322 -3.47 -19.46 -3.48
C LEU A 322 -4.72 -19.62 -2.63
N LEU A 323 -5.82 -20.08 -3.23
CA LEU A 323 -7.06 -20.26 -2.50
C LEU A 323 -7.08 -21.54 -1.69
N SER A 324 -6.05 -22.38 -1.80
CA SER A 324 -5.99 -23.61 -1.02
C SER A 324 -5.67 -23.36 0.44
N GLN A 325 -5.30 -22.14 0.81
CA GLN A 325 -4.99 -21.79 2.19
C GLN A 325 -5.96 -20.71 2.66
N ARG A 326 -6.47 -20.87 3.89
CA ARG A 326 -7.36 -19.86 4.46
C ARG A 326 -6.60 -18.90 5.36
N ILE A 327 -5.31 -19.15 5.59
CA ILE A 327 -4.59 -18.42 6.63
C ILE A 327 -4.20 -17.03 6.17
N TYR A 328 -3.39 -16.94 5.13
CA TYR A 328 -2.79 -15.68 4.70
C TYR A 328 -3.64 -15.03 3.62
N CYS A 329 -3.78 -13.72 3.72
CA CYS A 329 -4.55 -12.89 2.80
C CYS A 329 -5.95 -13.43 2.53
N PRO A 330 -6.79 -13.62 3.55
CA PRO A 330 -8.20 -13.90 3.26
C PRO A 330 -8.91 -12.71 2.64
N ASP A 331 -8.31 -11.52 2.76
CA ASP A 331 -8.93 -10.32 2.21
C ASP A 331 -8.94 -10.35 0.69
N SER A 332 -7.91 -10.93 0.08
CA SER A 332 -7.76 -10.92 -1.37
C SER A 332 -8.37 -12.13 -2.05
N ARG A 333 -9.16 -12.93 -1.33
CA ARG A 333 -9.74 -14.12 -1.94
C ARG A 333 -10.71 -13.75 -3.04
N GLY A 334 -11.28 -12.55 -2.98
CA GLY A 334 -12.18 -12.12 -4.03
C GLY A 334 -11.48 -11.96 -5.37
N ARG A 335 -10.33 -11.29 -5.38
CA ARG A 335 -9.60 -11.12 -6.63
C ARG A 335 -9.12 -12.46 -7.16
N TRP A 336 -8.75 -13.38 -6.27
CA TRP A 336 -8.29 -14.69 -6.70
C TRP A 336 -9.40 -15.46 -7.40
N TRP A 337 -10.60 -15.48 -6.81
CA TRP A 337 -11.71 -16.19 -7.45
C TRP A 337 -12.12 -15.51 -8.75
N ASP A 338 -12.16 -14.18 -8.78
CA ASP A 338 -12.54 -13.47 -10.00
C ASP A 338 -11.55 -13.75 -11.12
N ARG A 339 -10.26 -13.69 -10.80
CA ARG A 339 -9.24 -13.94 -11.81
C ARG A 339 -9.28 -15.40 -12.27
N LEU A 340 -9.52 -16.33 -11.35
CA LEU A 340 -9.62 -17.72 -11.74
C LEU A 340 -10.78 -17.94 -12.70
N ALA A 341 -11.94 -17.34 -12.38
CA ALA A 341 -13.09 -17.48 -13.26
C ALA A 341 -12.81 -16.89 -14.63
N LEU A 342 -12.23 -15.70 -14.68
CA LEU A 342 -11.96 -15.05 -15.96
C LEU A 342 -10.95 -15.85 -16.77
N ASN A 343 -9.91 -16.36 -16.11
CA ASN A 343 -8.90 -17.16 -16.80
C ASN A 343 -9.52 -18.43 -17.37
N LEU A 344 -10.35 -19.11 -16.59
CA LEU A 344 -10.92 -20.36 -17.07
C LEU A 344 -11.97 -20.12 -18.14
N HIS A 345 -12.54 -18.92 -18.17
CA HIS A 345 -13.62 -18.67 -19.13
C HIS A 345 -13.09 -18.12 -20.45
N GLN A 346 -12.44 -16.95 -20.42
CA GLN A 346 -12.06 -16.27 -21.65
C GLN A 346 -10.61 -16.48 -22.07
N HIS A 347 -9.84 -17.27 -21.34
CA HIS A 347 -8.43 -17.40 -21.71
C HIS A 347 -7.98 -18.85 -21.66
N LEU A 348 -8.80 -19.72 -21.09
CA LEU A 348 -8.62 -21.15 -21.22
C LEU A 348 -9.79 -21.82 -21.94
N LYS A 349 -10.90 -21.09 -22.11
CA LYS A 349 -12.04 -21.55 -22.90
C LYS A 349 -12.57 -22.89 -22.41
N ARG A 350 -12.64 -23.05 -21.10
CA ARG A 350 -13.26 -24.22 -20.49
C ARG A 350 -14.43 -23.78 -19.62
N LEU A 351 -15.57 -24.42 -19.82
CA LEU A 351 -16.79 -24.06 -19.12
C LEU A 351 -17.02 -24.89 -17.86
N GLU A 352 -16.74 -26.19 -17.92
CA GLU A 352 -16.99 -27.04 -16.76
C GLU A 352 -16.17 -26.62 -15.54
N PRO A 353 -14.86 -26.36 -15.64
CA PRO A 353 -14.17 -25.81 -14.46
C PRO A 353 -14.67 -24.43 -14.05
N THR A 354 -15.13 -23.62 -15.01
CA THR A 354 -15.60 -22.28 -14.69
C THR A 354 -16.84 -22.33 -13.82
N ILE A 355 -17.75 -23.27 -14.10
CA ILE A 355 -18.96 -23.38 -13.30
C ILE A 355 -18.60 -23.72 -11.87
N LYS A 356 -17.70 -24.69 -11.69
CA LYS A 356 -17.27 -25.08 -10.36
C LYS A 356 -16.59 -23.92 -9.63
N CYS A 357 -15.74 -23.16 -10.34
CA CYS A 357 -15.03 -22.08 -9.70
C CYS A 357 -15.98 -20.96 -9.31
N ILE A 358 -16.97 -20.65 -10.15
CA ILE A 358 -17.95 -19.62 -9.81
C ILE A 358 -18.75 -20.03 -8.59
N THR A 359 -19.22 -21.30 -8.57
CA THR A 359 -20.01 -21.78 -7.44
C THR A 359 -19.19 -21.75 -6.15
N GLU A 360 -17.95 -22.23 -6.21
CA GLU A 360 -17.09 -22.23 -5.03
C GLU A 360 -16.79 -20.82 -4.57
N GLY A 361 -16.55 -19.89 -5.50
CA GLY A 361 -16.26 -18.53 -5.12
C GLY A 361 -17.43 -17.85 -4.46
N LEU A 362 -18.63 -18.06 -5.01
CA LEU A 362 -19.82 -17.51 -4.37
C LEU A 362 -20.09 -18.17 -3.03
N ALA A 363 -19.60 -19.41 -2.85
CA ALA A 363 -19.81 -20.10 -1.59
C ALA A 363 -18.87 -19.57 -0.50
N ASP A 364 -17.68 -19.11 -0.87
CA ASP A 364 -16.73 -18.61 0.11
C ASP A 364 -17.26 -17.31 0.71
N PRO A 365 -17.41 -17.24 2.04
CA PRO A 365 -17.94 -15.99 2.64
C PRO A 365 -17.00 -14.82 2.51
N GLU A 366 -15.72 -15.06 2.23
CA GLU A 366 -14.74 -13.97 2.22
C GLU A 366 -14.92 -13.03 1.05
N VAL A 367 -15.56 -13.49 -0.03
CA VAL A 367 -15.75 -12.63 -1.19
C VAL A 367 -16.82 -11.60 -0.88
N ARG A 368 -16.54 -10.35 -1.22
CA ARG A 368 -17.46 -9.25 -0.90
C ARG A 368 -17.51 -8.28 -2.07
N THR A 369 -18.61 -7.55 -2.14
CA THR A 369 -18.77 -6.37 -2.99
C THR A 369 -18.48 -6.74 -4.44
N GLY A 370 -17.41 -6.22 -5.05
CA GLY A 370 -17.29 -6.32 -6.50
C GLY A 370 -17.09 -7.73 -7.00
N HIS A 371 -16.26 -8.51 -6.33
CA HIS A 371 -15.88 -9.81 -6.87
C HIS A 371 -17.05 -10.79 -6.85
N ARG A 372 -17.90 -10.67 -5.82
CA ARG A 372 -19.09 -11.54 -5.74
C ARG A 372 -20.01 -11.19 -6.91
N LEU A 373 -20.21 -9.90 -7.14
CA LEU A 373 -21.06 -9.47 -8.26
C LEU A 373 -20.46 -9.95 -9.58
N SER A 374 -19.14 -9.90 -9.71
CA SER A 374 -18.50 -10.33 -10.94
C SER A 374 -18.72 -11.82 -11.19
N LEU A 375 -18.55 -12.63 -10.16
CA LEU A 375 -18.79 -14.07 -10.29
C LEU A 375 -20.25 -14.34 -10.61
N TYR A 376 -21.15 -13.61 -9.98
CA TYR A 376 -22.59 -13.80 -10.26
C TYR A 376 -22.84 -13.47 -11.72
N GLN A 377 -22.34 -12.32 -12.18
CA GLN A 377 -22.58 -11.91 -13.57
C GLN A 377 -22.02 -12.94 -14.54
N ARG A 378 -20.86 -13.51 -14.24
CA ARG A 378 -20.33 -14.59 -15.06
C ARG A 378 -21.29 -15.77 -15.07
N ALA A 379 -21.84 -16.12 -13.90
CA ALA A 379 -22.76 -17.25 -13.83
C ALA A 379 -24.02 -16.99 -14.63
N VAL A 380 -24.59 -15.80 -14.52
CA VAL A 380 -25.84 -15.51 -15.22
C VAL A 380 -25.60 -15.41 -16.73
N ARG A 381 -24.45 -14.85 -17.14
CA ARG A 381 -24.15 -14.77 -18.55
C ARG A 381 -23.95 -16.17 -19.14
N LEU A 382 -23.30 -17.06 -18.39
CA LEU A 382 -23.16 -18.43 -18.84
C LEU A 382 -24.52 -19.13 -18.91
N ARG A 383 -25.38 -18.85 -17.94
CA ARG A 383 -26.71 -19.46 -17.91
C ARG A 383 -27.48 -19.17 -19.19
N GLU A 384 -27.58 -17.90 -19.57
CA GLU A 384 -28.29 -17.52 -20.79
C GLU A 384 -27.30 -17.38 -21.95
N SER A 385 -26.59 -18.47 -22.22
CA SER A 385 -25.66 -18.54 -23.31
C SER A 385 -25.75 -19.91 -23.96
N PRO A 386 -25.45 -20.01 -25.25
CA PRO A 386 -25.41 -21.32 -25.90
C PRO A 386 -24.25 -22.15 -25.37
N SER A 387 -24.34 -23.46 -25.57
CA SER A 387 -23.38 -24.49 -25.19
C SER A 387 -23.31 -24.70 -23.68
N CYS A 388 -24.08 -23.94 -22.90
CA CYS A 388 -24.11 -24.18 -21.46
C CYS A 388 -25.14 -25.24 -21.09
N LYS A 389 -26.00 -25.61 -22.05
CA LYS A 389 -27.04 -26.58 -21.77
C LYS A 389 -26.47 -27.98 -21.59
N LYS A 390 -25.30 -28.25 -22.18
CA LYS A 390 -24.75 -29.59 -22.27
C LYS A 390 -24.69 -30.31 -20.93
N PHE A 391 -24.32 -29.59 -19.88
CA PHE A 391 -24.25 -30.14 -18.54
C PHE A 391 -25.40 -29.65 -17.68
N LYS A 392 -25.61 -30.32 -16.54
CA LYS A 392 -26.54 -29.81 -15.55
C LYS A 392 -26.13 -28.41 -15.13
N HIS A 393 -27.10 -27.48 -15.18
CA HIS A 393 -26.73 -26.07 -15.16
C HIS A 393 -26.03 -25.68 -13.87
N LEU A 394 -26.51 -26.19 -12.73
CA LEU A 394 -25.99 -25.95 -11.40
C LEU A 394 -26.18 -24.50 -10.96
N PHE A 395 -26.67 -23.62 -11.85
CA PHE A 395 -27.01 -22.26 -11.43
C PHE A 395 -28.39 -22.22 -10.78
N GLN A 396 -29.17 -23.28 -10.92
CA GLN A 396 -30.35 -23.44 -10.09
C GLN A 396 -29.94 -23.59 -8.63
N GLN A 397 -28.82 -24.30 -8.40
CA GLN A 397 -28.26 -24.39 -7.07
C GLN A 397 -27.62 -23.08 -6.62
N LEU A 398 -27.15 -22.29 -7.59
CA LEU A 398 -26.43 -21.03 -7.28
C LEU A 398 -27.37 -19.98 -6.73
N PRO A 399 -27.00 -19.19 -5.68
CA PRO A 399 -27.88 -18.13 -5.18
C PRO A 399 -28.12 -17.06 -6.25
N GLU A 400 -29.25 -16.37 -6.17
CA GLU A 400 -29.54 -15.28 -7.13
C GLU A 400 -29.49 -13.96 -6.39
N MET A 401 -28.35 -13.27 -6.46
CA MET A 401 -28.27 -11.92 -5.86
C MET A 401 -28.24 -10.94 -7.02
N ALA A 402 -29.18 -10.01 -7.06
CA ALA A 402 -29.22 -9.13 -8.24
C ALA A 402 -28.97 -7.70 -7.80
N VAL A 403 -27.99 -7.03 -8.43
CA VAL A 403 -27.81 -5.60 -8.10
C VAL A 403 -29.09 -4.91 -8.56
N GLN A 404 -29.63 -4.03 -7.73
CA GLN A 404 -30.81 -3.27 -8.20
C GLN A 404 -30.32 -2.40 -9.36
N ASP A 405 -31.13 -2.26 -10.40
CA ASP A 405 -30.72 -1.35 -11.50
C ASP A 405 -30.68 0.07 -10.95
N VAL A 406 -29.71 0.86 -11.39
CA VAL A 406 -29.68 2.28 -10.96
C VAL A 406 -30.04 3.14 -12.16
N LYS A 407 -30.68 4.28 -11.92
CA LYS A 407 -31.01 5.21 -12.98
C LYS A 407 -29.74 5.76 -13.63
N HIS A 408 -29.72 5.80 -14.96
CA HIS A 408 -28.59 6.29 -15.73
C HIS A 408 -28.96 7.60 -16.39
N VAL A 409 -28.12 8.61 -16.24
CA VAL A 409 -28.33 9.90 -16.88
C VAL A 409 -27.09 10.25 -17.69
N THR A 410 -27.30 10.68 -18.93
CA THR A 410 -26.23 11.09 -19.82
C THR A 410 -26.42 12.54 -20.20
N ILE A 411 -25.39 13.35 -19.97
CA ILE A 411 -25.38 14.76 -20.31
C ILE A 411 -24.22 15.01 -21.26
N THR A 412 -24.39 15.94 -22.18
CA THR A 412 -23.40 16.24 -23.21
C THR A 412 -22.72 17.56 -22.86
N GLY A 413 -21.39 17.55 -22.90
CA GLY A 413 -20.61 18.74 -22.62
C GLY A 413 -19.22 18.70 -23.21
N SER A 442 -11.43 16.42 -16.67
CA SER A 442 -12.35 17.53 -16.43
C SER A 442 -13.80 17.07 -16.60
N VAL A 443 -13.97 15.76 -16.82
CA VAL A 443 -15.32 15.22 -16.97
C VAL A 443 -16.10 15.36 -15.67
N GLU A 444 -15.42 15.16 -14.54
CA GLU A 444 -16.10 15.19 -13.25
C GLU A 444 -16.44 16.62 -12.86
N GLU A 445 -15.57 17.58 -13.20
CA GLU A 445 -15.93 18.98 -13.03
C GLU A 445 -17.13 19.33 -13.89
N LEU A 446 -17.19 18.78 -15.10
CA LEU A 446 -18.35 19.02 -15.98
C LEU A 446 -19.62 18.46 -15.36
N ALA A 447 -19.54 17.28 -14.75
CA ALA A 447 -20.71 16.71 -14.07
C ALA A 447 -21.14 17.60 -12.91
N LEU A 448 -20.17 18.10 -12.13
CA LEU A 448 -20.50 19.03 -11.06
C LEU A 448 -21.20 20.26 -11.62
N ALA A 449 -20.72 20.78 -12.75
CA ALA A 449 -21.35 21.95 -13.36
C ALA A 449 -22.77 21.64 -13.80
N HIS A 450 -22.99 20.45 -14.37
CA HIS A 450 -24.33 20.09 -14.82
C HIS A 450 -25.29 19.99 -13.65
N TYR A 451 -24.84 19.42 -12.54
CA TYR A 451 -25.69 19.34 -11.36
C TYR A 451 -25.90 20.69 -10.71
N ARG A 452 -24.89 21.58 -10.78
CA ARG A 452 -25.08 22.95 -10.31
C ARG A 452 -26.16 23.65 -11.12
N ARG A 453 -26.22 23.37 -12.42
CA ARG A 453 -27.31 23.91 -13.24
C ARG A 453 -28.66 23.43 -12.74
N SER A 454 -28.70 22.23 -12.16
CA SER A 454 -29.93 21.71 -11.59
C SER A 454 -30.23 22.41 -10.27
N GLY A 455 -31.25 21.90 -9.57
CA GLY A 455 -31.65 22.50 -8.31
C GLY A 455 -30.55 22.46 -7.26
N PHE A 456 -29.71 21.43 -7.30
CA PHE A 456 -28.63 21.30 -6.33
C PHE A 456 -27.64 22.44 -6.48
N ASP A 457 -27.10 22.89 -5.34
CA ASP A 457 -26.20 24.04 -5.32
C ASP A 457 -24.76 23.66 -5.00
N GLN A 458 -24.53 22.72 -4.10
CA GLN A 458 -23.19 22.36 -3.67
C GLN A 458 -22.90 20.91 -4.01
N GLY A 459 -21.66 20.50 -3.76
CA GLY A 459 -21.23 19.15 -4.02
C GLY A 459 -19.75 18.97 -3.79
N ILE A 460 -19.30 17.74 -3.57
CA ILE A 460 -17.91 17.46 -3.25
C ILE A 460 -17.47 16.23 -4.04
N HIS A 461 -16.34 16.36 -4.74
CA HIS A 461 -15.73 15.23 -5.46
C HIS A 461 -15.07 14.29 -4.45
N GLY A 462 -15.93 13.52 -3.78
CA GLY A 462 -15.43 12.68 -2.70
C GLY A 462 -14.51 11.57 -3.17
N GLU A 463 -14.88 10.90 -4.26
CA GLU A 463 -14.18 9.74 -4.78
C GLU A 463 -14.05 8.64 -3.71
N GLY A 464 -14.98 8.59 -2.77
CA GLY A 464 -14.91 7.67 -1.66
C GLY A 464 -14.20 8.21 -0.44
N SER A 465 -13.43 9.29 -0.60
CA SER A 465 -12.80 9.92 0.55
C SER A 465 -13.81 10.71 1.37
N THR A 466 -14.91 11.14 0.74
CA THR A 466 -15.92 11.89 1.48
C THR A 466 -16.64 10.99 2.48
N PHE A 467 -16.95 9.76 2.08
CA PHE A 467 -17.61 8.85 3.00
C PHE A 467 -16.66 8.35 4.06
N SER A 468 -15.41 8.11 3.68
CA SER A 468 -14.40 7.74 4.68
C SER A 468 -14.22 8.86 5.69
N THR A 469 -14.21 10.11 5.22
CA THR A 469 -14.05 11.25 6.13
C THR A 469 -15.25 11.37 7.06
N LEU A 470 -16.47 11.29 6.52
CA LEU A 470 -17.65 11.39 7.37
C LEU A 470 -17.71 10.26 8.37
N TYR A 471 -17.38 9.04 7.94
CA TYR A 471 -17.39 7.91 8.84
C TYR A 471 -16.36 8.06 9.94
N GLY A 472 -15.14 8.49 9.58
CA GLY A 472 -14.13 8.73 10.58
C GLY A 472 -14.55 9.81 11.56
N LEU A 473 -15.09 10.91 11.05
CA LEU A 473 -15.53 11.99 11.94
C LEU A 473 -16.59 11.49 12.91
N LEU A 474 -17.62 10.81 12.38
CA LEU A 474 -18.76 10.46 13.20
C LEU A 474 -18.48 9.29 14.13
N LEU A 475 -17.44 8.52 13.86
CA LEU A 475 -17.14 7.37 14.70
C LEU A 475 -15.73 7.43 15.30
N TRP A 476 -15.13 8.61 15.34
CA TRP A 476 -13.75 8.74 15.81
C TRP A 476 -13.57 8.19 17.21
N ASP A 477 -14.58 8.36 18.07
CA ASP A 477 -14.47 7.85 19.43
C ASP A 477 -14.27 6.34 19.45
N ILE A 478 -15.05 5.61 18.64
CA ILE A 478 -14.93 4.16 18.61
C ILE A 478 -13.70 3.74 17.82
N ILE A 479 -13.36 4.50 16.78
CA ILE A 479 -12.24 4.12 15.92
C ILE A 479 -10.95 4.10 16.70
N PHE A 480 -10.77 5.05 17.62
CA PHE A 480 -9.56 5.15 18.42
C PHE A 480 -9.81 4.88 19.90
N MET A 481 -10.86 4.13 20.23
CA MET A 481 -11.15 3.86 21.63
C MET A 481 -10.13 2.87 22.19
N ASP A 482 -9.99 2.89 23.50
CA ASP A 482 -9.09 1.98 24.18
C ASP A 482 -9.77 0.63 24.39
N GLY A 483 -9.11 -0.23 25.16
CA GLY A 483 -9.69 -1.50 25.53
C GLY A 483 -9.64 -2.56 24.46
N ILE A 484 -9.02 -2.28 23.32
CA ILE A 484 -8.89 -3.23 22.22
C ILE A 484 -7.42 -3.61 22.10
N PRO A 485 -7.01 -4.89 22.23
CA PRO A 485 -5.58 -5.20 22.22
C PRO A 485 -4.83 -5.08 20.88
N ASP A 486 -3.59 -4.59 20.90
CA ASP A 486 -2.70 -4.53 19.70
C ASP A 486 -3.28 -3.73 18.55
N VAL A 487 -4.36 -2.99 18.74
CA VAL A 487 -4.81 -2.25 17.58
C VAL A 487 -4.14 -0.90 17.47
N PHE A 488 -3.39 -0.48 18.49
CA PHE A 488 -2.46 0.65 18.39
C PHE A 488 -1.13 0.21 19.03
N ARG A 489 -0.10 0.00 18.21
CA ARG A 489 1.14 -0.57 18.75
C ARG A 489 2.22 0.50 18.96
N ASN A 490 2.21 1.53 18.13
CA ASN A 490 3.19 2.60 18.26
C ASN A 490 2.47 3.90 18.59
N ALA A 491 3.24 4.86 19.09
CA ALA A 491 2.69 6.19 19.28
C ALA A 491 2.38 6.85 17.94
N CYS A 492 2.86 6.25 16.86
CA CYS A 492 2.63 6.76 15.51
C CYS A 492 1.75 5.78 14.73
N GLN A 493 0.44 6.02 14.75
CA GLN A 493 -0.51 5.19 13.99
C GLN A 493 -1.64 6.11 13.51
N ALA A 494 -1.74 6.27 12.20
CA ALA A 494 -2.79 7.12 11.63
C ALA A 494 -4.16 6.48 11.78
N PHE A 495 -4.23 5.16 11.69
CA PHE A 495 -5.47 4.41 11.73
C PHE A 495 -5.31 3.24 12.69
N PRO A 496 -6.40 2.81 13.34
CA PRO A 496 -6.32 1.61 14.16
C PRO A 496 -5.96 0.40 13.32
N LEU A 497 -5.09 -0.44 13.85
CA LEU A 497 -4.50 -1.49 13.03
C LEU A 497 -5.53 -2.52 12.60
N ASP A 498 -6.56 -2.75 13.41
CA ASP A 498 -7.58 -3.72 13.06
C ASP A 498 -8.58 -3.19 12.04
N LEU A 499 -8.49 -1.92 11.68
CA LEU A 499 -9.32 -1.41 10.59
C LEU A 499 -8.89 -2.06 9.29
N CYS A 500 -9.77 -2.01 8.29
CA CYS A 500 -9.63 -2.76 7.05
C CYS A 500 -9.62 -4.27 7.32
N THR A 501 -10.26 -4.69 8.39
CA THR A 501 -10.39 -6.09 8.74
C THR A 501 -11.76 -6.31 9.36
N ASP A 502 -12.27 -7.54 9.25
CA ASP A 502 -13.54 -7.88 9.84
C ASP A 502 -13.53 -7.79 11.36
N SER A 503 -12.35 -7.81 11.98
CA SER A 503 -12.28 -7.76 13.44
C SER A 503 -12.69 -6.40 13.98
N PHE A 504 -12.75 -5.39 13.12
CA PHE A 504 -13.06 -4.05 13.58
C PHE A 504 -14.47 -3.96 14.13
N PHE A 505 -15.44 -4.55 13.41
CA PHE A 505 -16.82 -4.52 13.88
C PHE A 505 -17.04 -5.46 15.05
N THR A 506 -16.32 -6.58 15.08
CA THR A 506 -16.51 -7.54 16.16
C THR A 506 -15.95 -7.01 17.47
N SER A 507 -14.74 -6.47 17.45
CA SER A 507 -14.10 -6.01 18.68
C SER A 507 -14.82 -4.81 19.27
N ARG A 508 -15.29 -3.90 18.42
CA ARG A 508 -15.98 -2.70 18.87
C ARG A 508 -17.49 -2.86 18.84
N ARG A 509 -17.99 -4.10 18.80
CA ARG A 509 -19.39 -4.33 18.45
C ARG A 509 -20.38 -3.57 19.31
N PRO A 510 -20.32 -3.57 20.65
CA PRO A 510 -21.34 -2.86 21.41
C PRO A 510 -21.42 -1.38 21.08
N ALA A 511 -20.30 -0.68 21.25
CA ALA A 511 -20.29 0.76 21.03
C ALA A 511 -20.53 1.09 19.56
N LEU A 512 -19.99 0.27 18.66
CA LEU A 512 -20.18 0.50 17.24
C LEU A 512 -21.66 0.44 16.87
N GLU A 513 -22.34 -0.62 17.29
CA GLU A 513 -23.77 -0.73 17.00
C GLU A 513 -24.55 0.37 17.70
N ALA A 514 -24.16 0.72 18.92
CA ALA A 514 -24.87 1.78 19.64
C ALA A 514 -24.79 3.09 18.89
N ARG A 515 -23.59 3.47 18.43
CA ARG A 515 -23.44 4.74 17.73
C ARG A 515 -24.08 4.69 16.34
N LEU A 516 -24.00 3.54 15.67
CA LEU A 516 -24.64 3.43 14.36
C LEU A 516 -26.15 3.56 14.49
N GLN A 517 -26.74 2.91 15.50
CA GLN A 517 -28.16 3.06 15.75
C GLN A 517 -28.50 4.50 16.12
N LEU A 518 -27.65 5.13 16.95
CA LEU A 518 -27.91 6.51 17.34
C LEU A 518 -27.94 7.41 16.10
N ILE A 519 -26.99 7.23 15.20
CA ILE A 519 -27.01 7.98 13.94
C ILE A 519 -28.26 7.66 13.15
N HIS A 520 -28.69 6.40 13.19
CA HIS A 520 -29.89 6.01 12.46
C HIS A 520 -31.11 6.75 12.98
N ASP A 521 -31.20 6.94 14.30
CA ASP A 521 -32.28 7.71 14.89
C ASP A 521 -31.87 9.12 15.26
N ALA A 522 -30.74 9.58 14.73
CA ALA A 522 -30.24 10.91 15.14
C ALA A 522 -31.00 12.03 14.44
N PRO A 523 -31.34 13.12 15.15
CA PRO A 523 -31.89 14.30 14.53
C PRO A 523 -30.72 14.94 13.79
N GLU A 524 -31.00 15.80 12.82
CA GLU A 524 -29.89 16.36 12.00
C GLU A 524 -28.95 17.11 12.95
N GLU A 525 -29.50 17.80 13.95
CA GLU A 525 -28.64 18.59 14.86
C GLU A 525 -27.67 17.67 15.61
N SER A 526 -28.11 16.50 16.06
CA SER A 526 -27.21 15.64 16.86
C SER A 526 -26.02 15.20 16.01
N LEU A 527 -26.24 14.86 14.73
CA LEU A 527 -25.13 14.49 13.84
C LEU A 527 -24.21 15.70 13.68
N ARG A 528 -24.81 16.88 13.55
CA ARG A 528 -24.01 18.12 13.41
C ARG A 528 -23.23 18.36 14.70
N ALA A 529 -23.84 18.13 15.86
CA ALA A 529 -23.09 18.29 17.10
C ALA A 529 -21.92 17.31 17.16
N TRP A 530 -22.15 16.04 16.81
CA TRP A 530 -21.07 15.08 16.82
C TRP A 530 -19.98 15.45 15.83
N VAL A 531 -20.36 15.82 14.60
CA VAL A 531 -19.34 16.12 13.61
C VAL A 531 -18.54 17.35 14.02
N ALA A 532 -19.21 18.35 14.60
CA ALA A 532 -18.52 19.56 15.04
C ALA A 532 -17.56 19.25 16.19
N ALA A 533 -18.03 18.50 17.18
CA ALA A 533 -17.19 18.19 18.33
C ALA A 533 -15.96 17.39 17.92
N THR A 534 -16.17 16.36 17.11
CA THR A 534 -15.02 15.51 16.75
C THR A 534 -14.02 16.35 15.95
N TRP A 535 -14.50 17.15 15.00
CA TRP A 535 -13.58 17.91 14.11
C TRP A 535 -12.75 18.85 14.96
N HIS A 536 -13.38 19.52 15.93
CA HIS A 536 -12.60 20.52 16.70
C HIS A 536 -11.48 19.82 17.45
N GLU A 537 -11.77 18.68 18.08
CA GLU A 537 -10.75 17.93 18.84
C GLU A 537 -9.63 17.39 17.95
N GLN A 538 -9.99 16.83 16.80
CA GLN A 538 -8.98 16.13 15.96
C GLN A 538 -8.55 16.88 14.71
N GLU A 539 -8.89 18.16 14.55
CA GLU A 539 -8.52 18.75 13.24
C GLU A 539 -7.00 18.65 13.12
N GLY A 540 -6.53 18.26 11.94
CA GLY A 540 -5.09 18.13 11.72
C GLY A 540 -4.55 16.78 12.11
N ARG A 541 -5.06 16.17 13.17
CA ARG A 541 -4.43 14.92 13.56
C ARG A 541 -4.48 13.94 12.39
N VAL A 542 -3.40 13.20 12.20
CA VAL A 542 -3.32 12.27 11.09
C VAL A 542 -4.34 11.15 11.29
N ALA A 543 -4.99 10.75 10.21
CA ALA A 543 -5.97 9.67 10.23
C ALA A 543 -6.20 9.23 8.80
N SER A 544 -6.04 7.93 8.53
CA SER A 544 -6.23 7.44 7.18
C SER A 544 -7.67 7.66 6.73
N LEU A 545 -8.62 7.41 7.63
CA LEU A 545 -10.02 7.58 7.29
C LEU A 545 -10.36 9.03 6.98
N VAL A 546 -9.84 9.95 7.76
CA VAL A 546 -10.25 11.36 7.71
C VAL A 546 -9.26 12.13 6.86
N SER A 547 -9.73 12.71 5.77
CA SER A 547 -8.95 13.61 4.94
C SER A 547 -9.45 15.03 5.21
N TRP A 548 -8.62 15.83 5.86
CA TRP A 548 -9.04 17.16 6.25
C TRP A 548 -9.14 18.09 5.05
N ASP A 549 -8.29 17.88 4.05
CA ASP A 549 -8.39 18.67 2.83
C ASP A 549 -9.62 18.29 2.01
N ARG A 550 -10.24 17.14 2.31
CA ARG A 550 -11.41 16.72 1.54
C ARG A 550 -12.57 17.66 1.75
N PHE A 551 -12.76 18.16 2.97
CA PHE A 551 -13.83 19.09 3.28
C PHE A 551 -13.25 20.50 3.37
N THR A 552 -13.90 21.45 2.70
CA THR A 552 -13.42 22.82 2.69
C THR A 552 -13.44 23.41 4.09
N SER A 553 -14.49 23.15 4.86
CA SER A 553 -14.62 23.69 6.20
C SER A 553 -15.46 22.72 7.03
N LEU A 554 -15.42 22.92 8.34
CA LEU A 554 -16.29 22.12 9.21
C LEU A 554 -17.75 22.40 8.91
N GLN A 555 -18.07 23.64 8.55
CA GLN A 555 -19.43 23.98 8.14
C GLN A 555 -19.84 23.16 6.93
N GLN A 556 -18.91 22.88 6.02
CA GLN A 556 -19.21 22.04 4.86
C GLN A 556 -19.60 20.64 5.29
N ALA A 557 -18.85 20.05 6.22
CA ALA A 557 -19.17 18.71 6.70
C ALA A 557 -20.50 18.71 7.45
N GLN A 558 -20.75 19.75 8.24
CA GLN A 558 -22.02 19.86 8.95
C GLN A 558 -23.18 19.91 7.96
N ASP A 559 -23.05 20.72 6.92
CA ASP A 559 -24.10 20.79 5.91
C ASP A 559 -24.26 19.45 5.21
N LEU A 560 -23.17 18.75 4.96
CA LEU A 560 -23.26 17.46 4.27
C LEU A 560 -24.00 16.43 5.11
N VAL A 561 -23.63 16.31 6.39
CA VAL A 561 -24.26 15.21 7.18
C VAL A 561 -25.75 15.54 7.31
N SER A 562 -26.07 16.79 7.60
CA SER A 562 -27.49 17.17 7.81
C SER A 562 -28.27 16.90 6.53
N CYS A 563 -27.71 17.30 5.39
CA CYS A 563 -28.39 17.02 4.10
C CYS A 563 -28.50 15.50 3.85
N LEU A 564 -27.43 14.76 4.13
CA LEU A 564 -27.44 13.30 3.82
C LEU A 564 -28.51 12.65 4.67
N GLY A 565 -28.59 13.08 5.92
CA GLY A 565 -29.61 12.53 6.84
C GLY A 565 -29.05 11.38 7.64
N GLY A 566 -29.65 11.12 8.80
CA GLY A 566 -29.13 10.07 9.69
C GLY A 566 -29.19 8.65 9.15
N PRO A 567 -30.28 8.20 8.50
CA PRO A 567 -30.36 6.79 8.11
C PRO A 567 -29.32 6.34 7.09
N VAL A 568 -29.34 6.96 5.91
CA VAL A 568 -28.44 6.55 4.83
C VAL A 568 -26.98 6.70 5.25
N LEU A 569 -26.68 7.76 6.00
CA LEU A 569 -25.33 7.92 6.54
C LEU A 569 -25.00 6.80 7.50
N SER A 570 -25.97 6.40 8.33
CA SER A 570 -25.76 5.29 9.24
C SER A 570 -25.48 4.00 8.48
N GLY A 571 -26.21 3.79 7.39
CA GLY A 571 -25.98 2.59 6.59
C GLY A 571 -24.62 2.58 5.93
N VAL A 572 -24.21 3.73 5.38
CA VAL A 572 -22.89 3.84 4.76
C VAL A 572 -21.81 3.57 5.80
N CYS A 573 -21.97 4.14 6.99
CA CYS A 573 -21.00 3.91 8.04
C CYS A 573 -20.99 2.46 8.48
N ARG A 574 -22.16 1.82 8.50
CA ARG A 574 -22.22 0.41 8.86
C ARG A 574 -21.47 -0.45 7.86
N HIS A 575 -21.63 -0.16 6.57
CA HIS A 575 -20.92 -0.91 5.55
C HIS A 575 -19.42 -0.66 5.64
N LEU A 576 -19.01 0.59 5.90
CA LEU A 576 -17.60 0.89 6.02
C LEU A 576 -17.00 0.29 7.28
N ALA A 577 -17.83 0.02 8.29
CA ALA A 577 -17.33 -0.57 9.53
C ALA A 577 -17.32 -2.08 9.52
N ALA A 578 -18.24 -2.71 8.79
CA ALA A 578 -18.27 -4.17 8.74
C ALA A 578 -17.06 -4.73 8.02
N ASP A 579 -16.74 -4.17 6.85
CA ASP A 579 -15.53 -4.53 6.12
C ASP A 579 -15.11 -3.31 5.30
N PHE A 580 -14.16 -2.55 5.85
CA PHE A 580 -13.76 -1.30 5.20
C PHE A 580 -13.02 -1.57 3.90
N ARG A 581 -12.25 -2.65 3.84
CA ARG A 581 -11.42 -2.91 2.66
C ARG A 581 -12.28 -3.03 1.40
N HIS A 582 -13.30 -3.88 1.45
CA HIS A 582 -14.12 -4.12 0.28
C HIS A 582 -15.11 -2.99 0.02
N CYS A 583 -15.58 -2.35 1.09
CA CYS A 583 -16.64 -1.36 0.92
C CYS A 583 -16.09 0.02 0.59
N ARG A 584 -14.80 0.25 0.84
CA ARG A 584 -14.24 1.58 0.61
C ARG A 584 -14.22 1.92 -0.87
N GLY A 585 -13.83 0.95 -1.70
CA GLY A 585 -13.81 1.20 -3.13
C GLY A 585 -15.21 1.15 -3.72
N GLY A 586 -15.40 1.85 -4.83
CA GLY A 586 -16.64 1.79 -5.55
C GLY A 586 -17.71 2.74 -5.07
N LEU A 587 -17.43 3.58 -4.08
CA LEU A 587 -18.41 4.57 -3.68
C LEU A 587 -18.59 5.59 -4.79
N PRO A 588 -19.77 6.19 -4.90
CA PRO A 588 -19.98 7.21 -5.93
C PRO A 588 -19.03 8.37 -5.75
N ASP A 589 -18.44 8.82 -6.86
CA ASP A 589 -17.44 9.87 -6.81
C ASP A 589 -18.04 11.20 -6.41
N LEU A 590 -19.17 11.56 -7.01
CA LEU A 590 -19.78 12.87 -6.83
C LEU A 590 -20.99 12.77 -5.93
N VAL A 591 -21.04 13.62 -4.91
CA VAL A 591 -22.19 13.76 -4.04
C VAL A 591 -22.67 15.19 -4.16
N VAL A 592 -23.94 15.37 -4.52
CA VAL A 592 -24.51 16.69 -4.72
C VAL A 592 -25.71 16.84 -3.78
N TRP A 593 -25.91 18.06 -3.29
CA TRP A 593 -27.02 18.38 -2.42
C TRP A 593 -27.37 19.85 -2.57
N ASN A 594 -28.60 20.19 -2.21
CA ASN A 594 -29.05 21.58 -2.17
C ASN A 594 -29.35 21.90 -0.70
N SER A 595 -28.78 22.99 -0.21
CA SER A 595 -28.92 23.33 1.21
C SER A 595 -30.38 23.53 1.58
N GLN A 596 -31.13 24.23 0.74
CA GLN A 596 -32.53 24.49 1.03
C GLN A 596 -33.37 23.22 0.97
N SER A 597 -33.22 22.45 -0.11
CA SER A 597 -34.09 21.29 -0.30
C SER A 597 -33.69 20.14 0.62
N ARG A 598 -32.43 20.14 1.07
CA ARG A 598 -31.91 19.02 1.92
C ARG A 598 -32.06 17.71 1.15
N HIS A 599 -31.98 17.75 -0.17
CA HIS A 599 -32.10 16.59 -1.03
C HIS A 599 -30.74 16.30 -1.67
N PHE A 600 -30.35 15.03 -1.67
CA PHE A 600 -29.01 14.63 -2.11
C PHE A 600 -29.13 13.64 -3.26
N LYS A 601 -28.25 13.77 -4.24
CA LYS A 601 -28.12 12.80 -5.32
C LYS A 601 -26.67 12.37 -5.42
N LEU A 602 -26.39 11.11 -5.09
CA LEU A 602 -25.05 10.55 -5.13
C LEU A 602 -24.81 10.03 -6.53
N VAL A 603 -23.79 10.57 -7.19
CA VAL A 603 -23.59 10.37 -8.62
C VAL A 603 -22.23 9.72 -8.82
N GLU A 604 -22.22 8.54 -9.44
CA GLU A 604 -20.98 7.95 -9.90
C GLU A 604 -20.75 8.33 -11.36
N VAL A 605 -19.64 9.01 -11.62
CA VAL A 605 -19.37 9.58 -12.93
C VAL A 605 -18.43 8.65 -13.67
N LYS A 606 -18.87 8.15 -14.82
CA LYS A 606 -18.07 7.29 -15.68
C LYS A 606 -18.05 7.91 -17.07
N GLY A 607 -16.86 8.03 -17.64
CA GLY A 607 -16.71 8.59 -18.96
C GLY A 607 -17.22 7.64 -20.02
N PRO A 608 -17.25 8.10 -21.28
CA PRO A 608 -17.75 7.23 -22.35
C PRO A 608 -16.96 5.95 -22.50
N ASN A 609 -15.66 5.99 -22.24
CA ASN A 609 -14.82 4.82 -22.47
C ASN A 609 -15.05 3.75 -21.41
N ASP A 610 -15.12 4.14 -20.15
CA ASP A 610 -15.12 3.20 -19.02
C ASP A 610 -16.54 2.95 -18.54
N ARG A 611 -16.82 1.69 -18.20
CA ARG A 611 -18.13 1.34 -17.67
C ARG A 611 -18.06 1.12 -16.16
N LEU A 612 -19.24 0.94 -15.56
CA LEU A 612 -19.34 0.81 -14.11
C LEU A 612 -18.57 -0.41 -13.62
N SER A 613 -17.77 -0.21 -12.58
CA SER A 613 -17.12 -1.33 -11.93
C SER A 613 -18.12 -2.11 -11.11
N HIS A 614 -17.76 -3.35 -10.79
CA HIS A 614 -18.65 -4.19 -9.99
C HIS A 614 -18.89 -3.59 -8.62
N LYS A 615 -17.82 -3.10 -7.98
CA LYS A 615 -17.96 -2.45 -6.68
C LYS A 615 -18.85 -1.23 -6.79
N GLN A 616 -18.70 -0.46 -7.88
CA GLN A 616 -19.52 0.72 -8.07
C GLN A 616 -21.00 0.36 -8.19
N MET A 617 -21.32 -0.69 -8.96
CA MET A 617 -22.70 -1.11 -9.10
C MET A 617 -23.26 -1.59 -7.76
N ILE A 618 -22.47 -2.38 -7.02
CA ILE A 618 -22.94 -2.87 -5.72
C ILE A 618 -23.23 -1.72 -4.79
N TRP A 619 -22.32 -0.74 -4.75
CA TRP A 619 -22.50 0.37 -3.82
C TRP A 619 -23.66 1.26 -4.25
N LEU A 620 -23.86 1.44 -5.56
CA LEU A 620 -24.98 2.23 -6.01
C LEU A 620 -26.31 1.57 -5.66
N ALA A 621 -26.39 0.25 -5.83
CA ALA A 621 -27.60 -0.47 -5.44
C ALA A 621 -27.83 -0.37 -3.94
N GLU A 622 -26.77 -0.53 -3.14
CA GLU A 622 -26.92 -0.46 -1.69
C GLU A 622 -27.33 0.94 -1.24
N LEU A 623 -26.77 1.97 -1.87
CA LEU A 623 -27.12 3.34 -1.51
C LEU A 623 -28.54 3.68 -1.92
N GLN A 624 -29.00 3.14 -3.06
CA GLN A 624 -30.39 3.29 -3.43
C GLN A 624 -31.29 2.58 -2.44
N LYS A 625 -30.86 1.41 -1.95
CA LYS A 625 -31.65 0.68 -0.97
C LYS A 625 -31.79 1.48 0.32
N LEU A 626 -30.73 2.19 0.73
CA LEU A 626 -30.77 2.94 1.97
C LEU A 626 -31.67 4.15 1.90
N GLY A 627 -32.16 4.51 0.73
CA GLY A 627 -33.02 5.67 0.61
C GLY A 627 -32.38 6.85 -0.08
N ALA A 628 -31.32 6.63 -0.84
CA ALA A 628 -30.66 7.71 -1.55
C ALA A 628 -30.91 7.59 -3.04
N GLU A 629 -31.23 8.71 -3.67
CA GLU A 629 -31.39 8.72 -5.12
C GLU A 629 -30.03 8.81 -5.79
N VAL A 630 -29.66 7.75 -6.50
CA VAL A 630 -28.33 7.63 -7.09
C VAL A 630 -28.49 7.45 -8.59
N GLU A 631 -27.67 8.18 -9.35
CA GLU A 631 -27.63 8.06 -10.80
C GLU A 631 -26.19 8.08 -11.26
N VAL A 632 -25.94 7.49 -12.43
CA VAL A 632 -24.60 7.48 -13.00
C VAL A 632 -24.55 8.50 -14.13
N CYS A 633 -23.74 9.54 -13.97
CA CYS A 633 -23.67 10.58 -14.97
C CYS A 633 -22.63 10.26 -16.02
N HIS A 634 -23.09 10.06 -17.26
CA HIS A 634 -22.22 9.90 -18.42
C HIS A 634 -22.11 11.26 -19.09
N VAL A 635 -20.88 11.70 -19.34
CA VAL A 635 -20.62 12.92 -20.09
C VAL A 635 -19.95 12.52 -21.40
N VAL A 636 -20.65 12.73 -22.51
CA VAL A 636 -20.13 12.36 -23.82
C VAL A 636 -19.84 13.61 -24.64
#